data_7JIZ
#
_entry.id   7JIZ
#
_cell.length_a   43.550
_cell.length_b   123.604
_cell.length_c   46.655
_cell.angle_alpha   90.000
_cell.angle_beta   100.980
_cell.angle_gamma   90.000
#
_symmetry.space_group_name_H-M   'P 1 21 1'
#
loop_
_entity.id
_entity.type
_entity.pdbx_description
1 polymer 'Dienelactone hydrolase family protein'
2 water water
#
_entity_poly.entity_id   1
_entity_poly.type   'polypeptide(L)'
_entity_poly.pdbx_seq_one_letter_code
;MASWSHPQFEKGAMRKQKIEYGNGPTQFHGWLIRDDSLDGVRPGVLVFPEAYGLNEHAIERAERLAQLGYVALAADMHGG
GVVYSDTATLGPAIRSLFGDRAEWRARAQAALDALLAQPQVDRDRVAAIGFCFGGATCLELARSGAPLSALVTFHAGLQP
PLEADAGRITGKVLICHGAEDPLMKPEALNAVLAELSRDRVDWQLLSFGGVAHSFTNPDADARGAPGFAYNANADRRSWA
AMQGLFAEVFAN
;
_entity_poly.pdbx_strand_id   A,B
#
# COMPACT_ATOMS: atom_id res chain seq x y z
N ALA A 13 9.53 -25.67 12.79
CA ALA A 13 10.85 -25.65 13.41
C ALA A 13 11.00 -24.49 14.39
N MET A 14 10.00 -23.60 14.41
CA MET A 14 10.06 -22.42 15.27
C MET A 14 9.86 -22.82 16.74
N ARG A 15 10.69 -22.27 17.63
CA ARG A 15 10.53 -22.48 19.06
C ARG A 15 9.30 -21.73 19.58
N LYS A 16 8.33 -22.46 20.12
CA LYS A 16 7.04 -21.90 20.51
C LYS A 16 6.79 -22.24 21.97
N GLN A 17 6.45 -21.24 22.79
CA GLN A 17 6.24 -21.54 24.20
C GLN A 17 5.21 -20.59 24.80
N LYS A 18 4.44 -21.11 25.77
CA LYS A 18 3.51 -20.27 26.50
C LYS A 18 4.25 -19.26 27.35
N ILE A 19 3.66 -18.08 27.51
CA ILE A 19 4.24 -17.09 28.42
C ILE A 19 3.12 -16.47 29.24
N GLU A 20 3.22 -16.55 30.56
CA GLU A 20 2.29 -15.87 31.46
C GLU A 20 2.93 -14.57 31.93
N TYR A 21 2.17 -13.48 31.87
CA TYR A 21 2.73 -12.17 32.18
C TYR A 21 1.61 -11.29 32.73
N GLY A 22 2.01 -10.18 33.32
CA GLY A 22 1.04 -9.31 33.96
C GLY A 22 0.98 -9.51 35.46
N ASN A 23 0.38 -8.54 36.15
CA ASN A 23 0.63 -8.28 37.55
C ASN A 23 -0.24 -9.05 38.53
N GLY A 24 -1.01 -10.06 38.09
CA GLY A 24 -1.65 -10.94 39.04
C GLY A 24 -3.15 -10.85 39.16
N PRO A 25 -3.72 -9.61 39.20
CA PRO A 25 -5.15 -9.46 38.93
C PRO A 25 -5.51 -10.09 37.60
N THR A 26 -5.56 -11.42 37.59
CA THR A 26 -5.68 -12.26 36.38
C THR A 26 -4.49 -12.05 35.45
N GLN A 27 -3.66 -13.08 35.29
CA GLN A 27 -2.49 -12.96 34.44
C GLN A 27 -2.86 -13.19 32.97
N PHE A 28 -2.09 -12.58 32.07
CA PHE A 28 -2.26 -12.81 30.65
C PHE A 28 -1.55 -14.09 30.23
N HIS A 29 -2.18 -14.85 29.34
CA HIS A 29 -1.61 -16.11 28.85
C HIS A 29 -1.35 -15.91 27.35
N GLY A 30 -0.08 -15.71 26.99
CA GLY A 30 0.27 -15.51 25.59
C GLY A 30 1.19 -16.58 25.03
N TRP A 31 1.69 -16.36 23.82
CA TRP A 31 2.60 -17.28 23.18
C TRP A 31 3.80 -16.51 22.69
N LEU A 32 4.99 -17.07 22.94
CA LEU A 32 6.25 -16.52 22.46
C LEU A 32 6.81 -17.45 21.41
N ILE A 33 7.18 -16.90 20.24
CA ILE A 33 7.71 -17.72 19.16
C ILE A 33 8.97 -17.08 18.59
N ARG A 34 10.02 -17.89 18.40
CA ARG A 34 11.21 -17.36 17.74
C ARG A 34 11.95 -18.49 17.05
N ASP A 35 12.75 -18.13 16.06
CA ASP A 35 13.64 -19.04 15.33
C ASP A 35 14.82 -19.35 16.24
N ASP A 36 14.76 -20.52 16.87
CA ASP A 36 15.84 -21.03 17.72
C ASP A 36 17.20 -20.98 17.04
N SER A 37 17.25 -21.23 15.73
CA SER A 37 18.54 -21.36 15.04
C SER A 37 19.25 -20.03 14.81
N LEU A 38 18.56 -18.90 15.00
CA LEU A 38 19.19 -17.60 14.89
C LEU A 38 19.77 -17.20 16.24
N ASP A 39 20.82 -16.38 16.21
CA ASP A 39 21.51 -15.95 17.41
C ASP A 39 21.54 -14.43 17.49
N GLY A 40 21.92 -13.93 18.66
CA GLY A 40 22.01 -12.50 18.89
C GLY A 40 20.65 -11.88 19.17
N VAL A 41 20.69 -10.59 19.50
CA VAL A 41 19.45 -9.84 19.68
C VAL A 41 18.76 -9.66 18.33
N ARG A 42 17.45 -9.68 18.35
CA ARG A 42 16.63 -9.63 17.15
C ARG A 42 15.49 -8.66 17.42
N PRO A 43 14.88 -8.10 16.38
CA PRO A 43 13.66 -7.30 16.57
C PRO A 43 12.56 -8.13 17.19
N GLY A 44 11.73 -7.47 17.98
CA GLY A 44 10.56 -8.11 18.57
C GLY A 44 9.30 -7.52 17.96
N VAL A 45 8.27 -8.35 17.81
CA VAL A 45 7.01 -7.88 17.25
C VAL A 45 5.89 -8.40 18.13
N LEU A 46 5.05 -7.49 18.63
CA LEU A 46 3.80 -7.84 19.30
C LEU A 46 2.74 -8.19 18.25
N VAL A 47 1.96 -9.23 18.53
CA VAL A 47 0.80 -9.59 17.73
C VAL A 47 -0.44 -9.47 18.61
N PHE A 48 -1.29 -8.46 18.33
CA PHE A 48 -2.53 -8.34 19.11
C PHE A 48 -3.67 -8.96 18.33
N PRO A 49 -4.46 -9.84 18.93
CA PRO A 49 -5.46 -10.61 18.19
C PRO A 49 -6.78 -9.85 18.04
N GLU A 50 -7.69 -10.45 17.30
CA GLU A 50 -9.07 -9.96 17.18
C GLU A 50 -9.75 -9.92 18.55
N ALA A 51 -10.92 -9.27 18.58
CA ALA A 51 -11.58 -8.97 19.85
C ALA A 51 -11.94 -10.24 20.62
N TYR A 52 -12.24 -11.33 19.91
CA TYR A 52 -12.68 -12.54 20.60
C TYR A 52 -11.60 -13.04 21.55
N GLY A 53 -10.34 -12.97 21.15
CA GLY A 53 -9.27 -13.33 22.04
C GLY A 53 -8.12 -13.98 21.28
N LEU A 54 -7.10 -14.41 21.99
CA LEU A 54 -5.91 -14.97 21.34
C LEU A 54 -6.23 -16.34 20.75
N ASN A 55 -6.30 -16.40 19.42
CA ASN A 55 -6.70 -17.60 18.69
C ASN A 55 -5.56 -18.06 17.78
N GLU A 56 -5.80 -19.17 17.06
N GLU A 56 -5.81 -19.18 17.07
CA GLU A 56 -4.77 -19.72 16.20
CA GLU A 56 -4.80 -19.74 16.17
C GLU A 56 -4.37 -18.76 15.09
C GLU A 56 -4.37 -18.74 15.10
N HIS A 57 -5.31 -17.94 14.60
CA HIS A 57 -4.98 -16.96 13.57
C HIS A 57 -3.86 -16.04 14.05
N ALA A 58 -3.97 -15.53 15.27
CA ALA A 58 -2.91 -14.64 15.78
C ALA A 58 -1.62 -15.41 16.03
N ILE A 59 -1.72 -16.64 16.53
CA ILE A 59 -0.51 -17.40 16.84
C ILE A 59 0.23 -17.76 15.55
N GLU A 60 -0.52 -18.14 14.51
N GLU A 60 -0.52 -18.12 14.51
CA GLU A 60 0.11 -18.46 13.22
CA GLU A 60 0.12 -18.46 13.24
C GLU A 60 0.86 -17.27 12.64
C GLU A 60 0.86 -17.26 12.65
N ARG A 61 0.32 -16.05 12.83
CA ARG A 61 1.02 -14.86 12.32
C ARG A 61 2.30 -14.61 13.12
N ALA A 62 2.25 -14.86 14.44
CA ALA A 62 3.46 -14.79 15.24
C ALA A 62 4.50 -15.80 14.78
N GLU A 63 4.06 -16.98 14.34
N GLU A 63 4.05 -16.99 14.37
CA GLU A 63 5.02 -17.96 13.83
CA GLU A 63 4.95 -17.98 13.80
C GLU A 63 5.64 -17.50 12.52
C GLU A 63 5.63 -17.46 12.55
N ARG A 64 4.85 -16.86 11.64
CA ARG A 64 5.41 -16.32 10.40
C ARG A 64 6.42 -15.23 10.70
N LEU A 65 6.16 -14.40 11.71
CA LEU A 65 7.12 -13.37 12.07
C LEU A 65 8.41 -13.98 12.60
N ALA A 66 8.30 -15.08 13.33
CA ALA A 66 9.50 -15.77 13.79
C ALA A 66 10.32 -16.28 12.62
N GLN A 67 9.65 -16.83 11.60
CA GLN A 67 10.34 -17.30 10.41
C GLN A 67 11.02 -16.16 9.67
N LEU A 68 10.48 -14.95 9.79
CA LEU A 68 11.13 -13.77 9.23
C LEU A 68 12.31 -13.31 10.07
N GLY A 69 12.59 -13.95 11.19
CA GLY A 69 13.73 -13.63 12.02
C GLY A 69 13.44 -12.77 13.24
N TYR A 70 12.18 -12.57 13.61
CA TYR A 70 11.82 -11.74 14.73
C TYR A 70 11.44 -12.59 15.94
N VAL A 71 11.43 -11.96 17.11
CA VAL A 71 10.87 -12.58 18.30
C VAL A 71 9.44 -12.04 18.45
N ALA A 72 8.45 -12.93 18.33
CA ALA A 72 7.05 -12.55 18.28
C ALA A 72 6.34 -12.97 19.57
N LEU A 73 5.53 -12.07 20.11
CA LEU A 73 4.72 -12.36 21.29
C LEU A 73 3.27 -12.16 20.88
N ALA A 74 2.52 -13.25 20.84
CA ALA A 74 1.08 -13.19 20.61
C ALA A 74 0.39 -12.90 21.94
N ALA A 75 -0.20 -11.71 22.05
CA ALA A 75 -0.67 -11.16 23.32
C ALA A 75 -2.08 -11.62 23.65
N ASP A 76 -2.35 -11.71 24.96
CA ASP A 76 -3.69 -11.92 25.51
C ASP A 76 -4.16 -10.58 26.08
N MET A 77 -5.26 -10.05 25.53
CA MET A 77 -5.79 -8.77 25.98
C MET A 77 -6.95 -8.91 26.95
N HIS A 78 -7.45 -10.15 27.16
CA HIS A 78 -8.54 -10.37 28.10
C HIS A 78 -8.06 -10.78 29.50
N GLY A 79 -7.03 -11.61 29.58
CA GLY A 79 -6.61 -12.19 30.83
C GLY A 79 -7.02 -13.65 30.90
N GLY A 80 -6.16 -14.50 31.47
CA GLY A 80 -6.47 -15.91 31.60
C GLY A 80 -6.62 -16.66 30.28
N GLY A 81 -6.18 -16.05 29.18
CA GLY A 81 -6.31 -16.73 27.91
C GLY A 81 -7.74 -16.87 27.41
N VAL A 82 -8.67 -16.12 27.99
CA VAL A 82 -10.07 -16.31 27.63
C VAL A 82 -10.30 -15.94 26.18
N VAL A 83 -11.02 -16.82 25.46
CA VAL A 83 -11.38 -16.57 24.06
C VAL A 83 -12.90 -16.64 23.97
N TYR A 84 -13.54 -15.47 23.85
CA TYR A 84 -14.99 -15.41 23.68
C TYR A 84 -15.39 -16.00 22.34
N SER A 85 -16.67 -16.41 22.24
CA SER A 85 -17.17 -16.97 20.99
C SER A 85 -18.57 -16.49 20.63
N ASP A 86 -19.21 -15.68 21.46
CA ASP A 86 -20.50 -15.06 21.19
C ASP A 86 -20.40 -13.56 21.48
N THR A 87 -21.06 -12.75 20.64
CA THR A 87 -20.95 -11.31 20.84
C THR A 87 -21.66 -10.85 22.10
N ALA A 88 -22.67 -11.59 22.57
CA ALA A 88 -23.33 -11.24 23.81
C ALA A 88 -22.40 -11.38 25.00
N THR A 89 -21.62 -12.46 25.04
CA THR A 89 -20.66 -12.62 26.12
C THR A 89 -19.48 -11.67 25.93
N LEU A 90 -19.09 -11.42 24.68
CA LEU A 90 -17.95 -10.56 24.38
C LEU A 90 -18.26 -9.09 24.63
N GLY A 91 -19.53 -8.69 24.51
CA GLY A 91 -19.91 -7.30 24.47
C GLY A 91 -19.51 -6.50 25.68
N PRO A 92 -19.92 -6.93 26.87
CA PRO A 92 -19.40 -6.31 28.11
C PRO A 92 -17.91 -6.09 28.11
N ALA A 93 -17.13 -7.14 27.80
CA ALA A 93 -15.68 -7.04 27.92
C ALA A 93 -15.10 -6.03 26.95
N ILE A 94 -15.57 -6.03 25.71
CA ILE A 94 -14.97 -5.14 24.72
C ILE A 94 -15.43 -3.71 24.97
N ARG A 95 -16.71 -3.50 25.31
CA ARG A 95 -17.19 -2.16 25.65
C ARG A 95 -16.47 -1.58 26.85
N SER A 96 -16.11 -2.42 27.82
N SER A 96 -16.12 -2.43 27.82
CA SER A 96 -15.33 -1.95 28.97
CA SER A 96 -15.34 -1.96 28.97
C SER A 96 -14.00 -1.38 28.53
C SER A 96 -14.00 -1.38 28.53
N LEU A 97 -13.30 -2.05 27.60
CA LEU A 97 -12.02 -1.53 27.13
C LEU A 97 -12.19 -0.26 26.30
N PHE A 98 -13.20 -0.21 25.43
CA PHE A 98 -13.45 1.02 24.68
C PHE A 98 -13.70 2.21 25.59
N GLY A 99 -14.35 1.98 26.74
CA GLY A 99 -14.66 3.06 27.66
C GLY A 99 -13.58 3.40 28.65
N ASP A 100 -12.51 2.63 28.65
CA ASP A 100 -11.43 2.81 29.57
C ASP A 100 -10.12 2.60 28.80
N ARG A 101 -9.80 3.57 27.95
CA ARG A 101 -8.59 3.47 27.14
C ARG A 101 -7.33 3.48 27.97
N ALA A 102 -7.36 3.99 29.21
CA ALA A 102 -6.18 3.85 30.07
C ALA A 102 -5.93 2.38 30.42
N GLU A 103 -6.99 1.66 30.80
CA GLU A 103 -6.84 0.24 31.12
C GLU A 103 -6.47 -0.56 29.87
N TRP A 104 -7.05 -0.19 28.74
CA TRP A 104 -6.76 -0.87 27.48
C TRP A 104 -5.28 -0.75 27.14
N ARG A 105 -4.74 0.46 27.26
CA ARG A 105 -3.33 0.68 26.99
C ARG A 105 -2.45 -0.04 28.01
N ALA A 106 -2.86 -0.08 29.28
CA ALA A 106 -2.07 -0.78 30.27
C ALA A 106 -1.96 -2.26 29.94
N ARG A 107 -3.04 -2.87 29.45
CA ARG A 107 -2.96 -4.28 29.07
C ARG A 107 -2.00 -4.46 27.91
N ALA A 108 -2.05 -3.56 26.93
CA ALA A 108 -1.11 -3.62 25.82
C ALA A 108 0.32 -3.42 26.30
N GLN A 109 0.53 -2.45 27.21
CA GLN A 109 1.88 -2.21 27.74
C GLN A 109 2.42 -3.43 28.47
N ALA A 110 1.56 -4.19 29.17
CA ALA A 110 2.01 -5.41 29.83
C ALA A 110 2.58 -6.41 28.83
N ALA A 111 1.96 -6.50 27.65
CA ALA A 111 2.53 -7.34 26.58
C ALA A 111 3.87 -6.81 26.13
N LEU A 112 3.99 -5.50 25.94
CA LEU A 112 5.27 -4.93 25.54
C LEU A 112 6.36 -5.22 26.57
N ASP A 113 6.02 -5.05 27.85
CA ASP A 113 6.94 -5.40 28.93
C ASP A 113 7.42 -6.84 28.79
N ALA A 114 6.49 -7.78 28.64
CA ALA A 114 6.87 -9.18 28.55
C ALA A 114 7.79 -9.43 27.35
N LEU A 115 7.54 -8.74 26.23
CA LEU A 115 8.39 -8.91 25.05
C LEU A 115 9.78 -8.33 25.30
N LEU A 116 9.83 -7.13 25.87
CA LEU A 116 11.11 -6.50 26.19
C LEU A 116 11.91 -7.30 27.20
N ALA A 117 11.25 -8.17 27.97
CA ALA A 117 11.97 -8.96 28.97
C ALA A 117 12.67 -10.17 28.38
N GLN A 118 12.48 -10.43 27.09
CA GLN A 118 13.12 -11.59 26.47
C GLN A 118 14.58 -11.28 26.23
N PRO A 119 15.48 -12.21 26.56
CA PRO A 119 16.92 -11.97 26.32
C PRO A 119 17.25 -11.70 24.86
N GLN A 120 16.49 -12.30 23.93
CA GLN A 120 16.79 -12.18 22.51
C GLN A 120 16.23 -10.90 21.87
N VAL A 121 15.46 -10.08 22.60
CA VAL A 121 14.80 -8.94 21.98
C VAL A 121 15.72 -7.72 21.99
N ASP A 122 15.91 -7.13 20.81
CA ASP A 122 16.55 -5.82 20.67
C ASP A 122 15.56 -4.75 21.10
N ARG A 123 15.83 -4.09 22.23
CA ARG A 123 14.90 -3.12 22.79
C ARG A 123 14.71 -1.89 21.90
N ASP A 124 15.66 -1.59 21.03
CA ASP A 124 15.55 -0.47 20.10
C ASP A 124 14.85 -0.85 18.81
N ARG A 125 14.43 -2.11 18.65
CA ARG A 125 13.77 -2.53 17.42
C ARG A 125 12.57 -3.39 17.82
N VAL A 126 11.47 -2.72 18.17
N VAL A 126 11.47 -2.73 18.20
CA VAL A 126 10.22 -3.38 18.54
CA VAL A 126 10.23 -3.42 18.52
C VAL A 126 9.09 -2.76 17.74
C VAL A 126 9.10 -2.78 17.73
N ALA A 127 8.17 -3.61 17.26
CA ALA A 127 7.02 -3.17 16.49
C ALA A 127 5.79 -3.92 16.97
N ALA A 128 4.62 -3.55 16.46
CA ALA A 128 3.38 -4.23 16.82
C ALA A 128 2.51 -4.39 15.58
N ILE A 129 1.80 -5.50 15.50
CA ILE A 129 0.75 -5.65 14.51
C ILE A 129 -0.53 -6.06 15.22
N GLY A 130 -1.65 -5.81 14.56
CA GLY A 130 -2.91 -6.15 15.19
C GLY A 130 -4.00 -6.34 14.16
N PHE A 131 -4.90 -7.27 14.44
CA PHE A 131 -6.03 -7.58 13.58
C PHE A 131 -7.29 -7.13 14.28
N CYS A 132 -8.12 -6.34 13.57
N CYS A 132 -8.09 -6.33 13.58
CA CYS A 132 -9.40 -5.87 14.08
CA CYS A 132 -9.35 -5.79 14.07
C CYS A 132 -9.13 -5.11 15.37
C CYS A 132 -9.12 -5.05 15.39
N PHE A 133 -9.77 -5.48 16.48
CA PHE A 133 -9.52 -4.85 17.77
C PHE A 133 -8.04 -4.80 18.12
N GLY A 134 -7.28 -5.83 17.74
CA GLY A 134 -5.84 -5.84 17.95
C GLY A 134 -5.14 -4.70 17.21
N GLY A 135 -5.61 -4.35 16.01
CA GLY A 135 -5.04 -3.21 15.32
C GLY A 135 -5.37 -1.91 16.02
N ALA A 136 -6.61 -1.79 16.53
CA ALA A 136 -6.93 -0.64 17.35
C ALA A 136 -6.02 -0.59 18.58
N THR A 137 -5.72 -1.77 19.14
CA THR A 137 -4.84 -1.85 20.31
C THR A 137 -3.44 -1.33 19.99
N CYS A 138 -2.89 -1.70 18.83
CA CYS A 138 -1.58 -1.17 18.42
C CYS A 138 -1.57 0.34 18.46
N LEU A 139 -2.61 0.98 17.90
CA LEU A 139 -2.63 2.43 17.82
C LEU A 139 -2.76 3.05 19.21
N GLU A 140 -3.56 2.43 20.08
CA GLU A 140 -3.65 2.90 21.47
C GLU A 140 -2.29 2.85 22.16
N LEU A 141 -1.59 1.71 22.01
CA LEU A 141 -0.27 1.59 22.61
C LEU A 141 0.68 2.66 22.09
N ALA A 142 0.66 2.93 20.77
CA ALA A 142 1.52 3.97 20.21
C ALA A 142 1.14 5.36 20.72
N ARG A 143 -0.16 5.63 20.79
CA ARG A 143 -0.64 6.91 21.31
C ARG A 143 -0.23 7.14 22.77
N SER A 144 -0.02 6.05 23.53
CA SER A 144 0.46 6.22 24.90
C SER A 144 1.91 6.66 24.97
N GLY A 145 2.61 6.70 23.84
CA GLY A 145 4.02 7.06 23.83
C GLY A 145 4.97 5.88 23.86
N ALA A 146 4.48 4.65 23.69
CA ALA A 146 5.35 3.50 23.78
C ALA A 146 6.36 3.51 22.63
N PRO A 147 7.57 3.04 22.89
CA PRO A 147 8.64 3.12 21.87
C PRO A 147 8.52 2.04 20.80
N LEU A 148 7.44 2.10 20.02
CA LEU A 148 7.29 1.23 18.87
C LEU A 148 7.93 1.87 17.65
N SER A 149 8.83 1.14 16.98
CA SER A 149 9.45 1.65 15.75
C SER A 149 8.46 1.69 14.60
N ALA A 150 7.46 0.82 14.64
CA ALA A 150 6.47 0.73 13.58
C ALA A 150 5.28 -0.02 14.12
N LEU A 151 4.12 0.23 13.52
CA LEU A 151 2.92 -0.52 13.82
C LEU A 151 2.13 -0.72 12.55
N VAL A 152 1.45 -1.87 12.45
CA VAL A 152 0.64 -2.17 11.27
C VAL A 152 -0.70 -2.67 11.75
N THR A 153 -1.77 -2.08 11.24
CA THR A 153 -3.13 -2.51 11.59
C THR A 153 -3.75 -3.16 10.38
N PHE A 154 -4.50 -4.24 10.63
CA PHE A 154 -5.21 -4.96 9.57
C PHE A 154 -6.69 -4.91 9.90
N HIS A 155 -7.48 -4.31 9.01
CA HIS A 155 -8.93 -4.15 9.15
C HIS A 155 -9.35 -3.81 10.59
N ALA A 156 -8.78 -2.72 11.12
CA ALA A 156 -8.99 -2.31 12.51
C ALA A 156 -9.99 -1.18 12.61
N GLY A 157 -10.88 -1.26 13.61
CA GLY A 157 -11.72 -0.13 13.98
C GLY A 157 -10.96 0.81 14.89
N LEU A 158 -10.19 1.73 14.30
CA LEU A 158 -9.37 2.64 15.07
C LEU A 158 -10.24 3.61 15.85
N GLN A 159 -9.77 3.99 17.06
CA GLN A 159 -10.51 4.83 17.98
C GLN A 159 -10.22 6.30 17.72
N PRO A 160 -11.09 7.21 18.16
CA PRO A 160 -10.91 8.62 17.81
C PRO A 160 -9.70 9.21 18.50
N PRO A 161 -9.06 10.22 17.91
CA PRO A 161 -7.93 10.87 18.55
C PRO A 161 -8.30 11.60 19.82
N LEU A 162 -7.34 11.67 20.73
CA LEU A 162 -7.46 12.39 21.99
C LEU A 162 -6.35 13.44 22.06
N GLU A 163 -6.73 14.65 22.44
CA GLU A 163 -5.76 15.76 22.51
C GLU A 163 -4.55 15.41 23.36
N ALA A 164 -4.76 14.66 24.45
CA ALA A 164 -3.66 14.37 25.35
C ALA A 164 -2.58 13.52 24.71
N ASP A 165 -2.89 12.83 23.61
CA ASP A 165 -1.94 11.99 22.89
C ASP A 165 -1.14 12.73 21.83
N ALA A 166 -1.35 14.04 21.66
CA ALA A 166 -0.70 14.77 20.57
C ALA A 166 0.82 14.59 20.63
N GLY A 167 1.39 14.17 19.51
CA GLY A 167 2.84 14.08 19.35
C GLY A 167 3.49 12.87 19.97
N ARG A 168 2.72 11.91 20.48
CA ARG A 168 3.29 10.80 21.23
C ARG A 168 3.66 9.61 20.37
N ILE A 169 3.18 9.55 19.13
CA ILE A 169 3.53 8.46 18.22
C ILE A 169 4.91 8.75 17.63
N THR A 170 5.91 7.97 18.02
CA THR A 170 7.25 8.18 17.48
C THR A 170 7.59 7.25 16.31
N GLY A 171 6.83 6.19 16.09
CA GLY A 171 7.14 5.21 15.06
C GLY A 171 6.40 5.47 13.75
N LYS A 172 6.62 4.56 12.80
CA LYS A 172 5.92 4.61 11.52
C LYS A 172 4.60 3.84 11.61
N VAL A 173 3.64 4.26 10.80
CA VAL A 173 2.28 3.70 10.87
C VAL A 173 1.88 3.22 9.47
N LEU A 174 1.32 2.01 9.41
CA LEU A 174 0.74 1.47 8.19
C LEU A 174 -0.63 0.91 8.54
N ILE A 175 -1.65 1.42 7.89
CA ILE A 175 -3.04 1.04 8.13
C ILE A 175 -3.52 0.31 6.89
N CYS A 176 -3.87 -0.96 7.04
CA CYS A 176 -4.34 -1.77 5.92
C CYS A 176 -5.84 -1.93 6.10
N HIS A 177 -6.59 -1.44 5.11
CA HIS A 177 -7.98 -1.09 5.31
C HIS A 177 -8.81 -1.60 4.15
N GLY A 178 -9.93 -2.27 4.46
CA GLY A 178 -10.91 -2.58 3.44
C GLY A 178 -11.78 -1.37 3.16
N ALA A 179 -11.87 -0.98 1.89
CA ALA A 179 -12.56 0.25 1.54
C ALA A 179 -14.03 0.19 1.95
N GLU A 180 -14.60 -1.01 2.03
CA GLU A 180 -15.99 -1.18 2.42
C GLU A 180 -16.15 -1.67 3.85
N ASP A 181 -15.13 -1.54 4.68
CA ASP A 181 -15.23 -1.98 6.08
C ASP A 181 -16.25 -1.14 6.82
N PRO A 182 -17.35 -1.72 7.33
CA PRO A 182 -18.35 -0.91 8.04
C PRO A 182 -17.92 -0.50 9.44
N LEU A 183 -16.90 -1.15 10.01
CA LEU A 183 -16.46 -0.79 11.36
C LEU A 183 -15.38 0.28 11.35
N MET A 184 -15.02 0.83 10.18
CA MET A 184 -14.05 1.94 10.09
C MET A 184 -14.54 2.87 8.97
N LYS A 185 -15.52 3.71 9.32
CA LYS A 185 -16.17 4.58 8.35
C LYS A 185 -15.27 5.76 7.96
N PRO A 186 -15.54 6.39 6.82
CA PRO A 186 -14.59 7.41 6.30
C PRO A 186 -14.37 8.61 7.20
N GLU A 187 -15.41 9.11 7.85
CA GLU A 187 -15.24 10.30 8.69
C GLU A 187 -14.35 10.00 9.88
N ALA A 188 -14.58 8.86 10.54
CA ALA A 188 -13.74 8.49 11.67
C ALA A 188 -12.31 8.20 11.23
N LEU A 189 -12.15 7.54 10.07
CA LEU A 189 -10.81 7.27 9.57
C LEU A 189 -10.09 8.56 9.24
N ASN A 190 -10.79 9.52 8.63
CA ASN A 190 -10.12 10.76 8.26
C ASN A 190 -9.68 11.53 9.49
N ALA A 191 -10.42 11.41 10.59
CA ALA A 191 -10.04 12.09 11.82
C ALA A 191 -8.78 11.50 12.40
N VAL A 192 -8.63 10.17 12.32
CA VAL A 192 -7.37 9.55 12.73
C VAL A 192 -6.23 10.03 11.83
N LEU A 193 -6.44 9.98 10.51
CA LEU A 193 -5.38 10.43 9.62
C LEU A 193 -5.02 11.89 9.84
N ALA A 194 -5.98 12.71 10.28
CA ALA A 194 -5.68 14.11 10.53
C ALA A 194 -4.83 14.28 11.79
N GLU A 195 -5.02 13.42 12.79
CA GLU A 195 -4.14 13.43 13.94
C GLU A 195 -2.71 13.08 13.52
N LEU A 196 -2.56 11.99 12.76
CA LEU A 196 -1.24 11.56 12.33
C LEU A 196 -0.58 12.65 11.47
N SER A 197 -1.33 13.24 10.55
CA SER A 197 -0.76 14.29 9.69
C SER A 197 -0.39 15.54 10.50
N ARG A 198 -1.22 15.92 11.47
CA ARG A 198 -0.90 17.07 12.30
C ARG A 198 0.43 16.87 13.02
N ASP A 199 0.65 15.68 13.56
CA ASP A 199 1.86 15.39 14.31
C ASP A 199 3.02 14.94 13.44
N ARG A 200 2.89 15.03 12.11
CA ARG A 200 3.96 14.67 11.18
C ARG A 200 4.40 13.23 11.37
N VAL A 201 3.44 12.35 11.65
CA VAL A 201 3.72 10.92 11.68
C VAL A 201 3.92 10.41 10.26
N ASP A 202 4.92 9.56 10.06
CA ASP A 202 5.09 8.87 8.78
C ASP A 202 4.03 7.79 8.69
N TRP A 203 2.91 8.08 8.05
CA TRP A 203 1.84 7.10 7.95
C TRP A 203 1.57 6.73 6.51
N GLN A 204 1.05 5.52 6.32
CA GLN A 204 0.58 5.02 5.03
C GLN A 204 -0.77 4.36 5.25
N LEU A 205 -1.70 4.61 4.33
CA LEU A 205 -2.98 3.93 4.30
C LEU A 205 -3.02 3.12 3.01
N LEU A 206 -3.19 1.80 3.14
CA LEU A 206 -3.29 0.89 2.00
C LEU A 206 -4.74 0.42 2.01
N SER A 207 -5.56 0.96 1.10
CA SER A 207 -6.98 0.64 1.05
C SER A 207 -7.26 -0.29 -0.13
N PHE A 208 -8.10 -1.28 0.10
CA PHE A 208 -8.43 -2.30 -0.89
C PHE A 208 -9.86 -2.15 -1.34
N GLY A 209 -10.06 -1.99 -2.65
CA GLY A 209 -11.41 -1.94 -3.18
C GLY A 209 -12.10 -3.29 -3.09
N GLY A 210 -13.41 -3.24 -2.84
CA GLY A 210 -14.20 -4.46 -2.77
C GLY A 210 -13.87 -5.34 -1.58
N VAL A 211 -13.20 -4.79 -0.57
CA VAL A 211 -12.78 -5.54 0.60
C VAL A 211 -13.34 -4.87 1.85
N ALA A 212 -13.71 -5.68 2.84
CA ALA A 212 -14.32 -5.15 4.05
C ALA A 212 -13.58 -5.59 5.30
N HIS A 213 -14.32 -5.96 6.34
CA HIS A 213 -13.69 -6.30 7.61
C HIS A 213 -13.22 -7.76 7.60
N SER A 214 -12.26 -8.05 8.49
CA SER A 214 -11.76 -9.40 8.72
C SER A 214 -11.13 -10.02 7.46
N PHE A 215 -10.53 -9.21 6.59
CA PHE A 215 -10.05 -9.77 5.33
C PHE A 215 -8.83 -10.68 5.48
N THR A 216 -8.17 -10.71 6.63
CA THR A 216 -7.05 -11.64 6.83
C THR A 216 -7.47 -12.97 7.43
N ASN A 217 -8.72 -13.12 7.85
CA ASN A 217 -9.09 -14.32 8.58
C ASN A 217 -9.91 -15.25 7.72
N PRO A 218 -9.37 -16.41 7.31
CA PRO A 218 -10.15 -17.34 6.47
C PRO A 218 -11.42 -17.85 7.13
N ASP A 219 -11.58 -17.70 8.45
CA ASP A 219 -12.82 -18.12 9.10
C ASP A 219 -13.96 -17.15 8.89
N ALA A 220 -13.71 -15.97 8.30
CA ALA A 220 -14.76 -15.03 7.94
C ALA A 220 -15.30 -15.44 6.56
N ASP A 221 -16.20 -16.40 6.59
CA ASP A 221 -16.70 -17.06 5.40
C ASP A 221 -18.09 -16.53 5.06
N ALA A 222 -18.75 -17.18 4.10
CA ALA A 222 -20.07 -16.72 3.65
C ALA A 222 -21.14 -16.86 4.74
N ARG A 223 -20.90 -17.69 5.77
CA ARG A 223 -21.86 -17.76 6.87
C ARG A 223 -21.88 -16.49 7.73
N GLY A 224 -20.85 -15.66 7.64
CA GLY A 224 -20.74 -14.49 8.48
C GLY A 224 -21.69 -13.38 8.09
N ALA A 225 -21.62 -12.29 8.86
CA ALA A 225 -22.45 -11.12 8.62
C ALA A 225 -21.94 -10.34 7.42
N PRO A 226 -22.82 -9.54 6.79
CA PRO A 226 -22.36 -8.67 5.70
C PRO A 226 -21.27 -7.70 6.17
N GLY A 227 -20.29 -7.48 5.30
CA GLY A 227 -19.16 -6.62 5.65
C GLY A 227 -18.03 -7.31 6.37
N PHE A 228 -18.09 -8.63 6.55
CA PHE A 228 -17.01 -9.41 7.17
C PHE A 228 -16.70 -10.56 6.23
N ALA A 229 -15.53 -10.51 5.60
CA ALA A 229 -15.22 -11.48 4.56
C ALA A 229 -13.71 -11.56 4.35
N TYR A 230 -13.19 -12.78 4.31
CA TYR A 230 -11.80 -12.99 3.94
C TYR A 230 -11.55 -12.51 2.52
N ASN A 231 -10.34 -12.00 2.26
CA ASN A 231 -9.92 -11.69 0.88
C ASN A 231 -8.47 -12.09 0.73
N ALA A 232 -8.22 -13.14 -0.06
CA ALA A 232 -6.86 -13.69 -0.18
C ALA A 232 -5.87 -12.65 -0.67
N ASN A 233 -6.25 -11.85 -1.67
CA ASN A 233 -5.31 -10.87 -2.21
C ASN A 233 -4.96 -9.83 -1.16
N ALA A 234 -5.98 -9.23 -0.53
CA ALA A 234 -5.73 -8.19 0.47
C ALA A 234 -4.90 -8.76 1.61
N ASP A 235 -5.17 -10.00 2.00
CA ASP A 235 -4.38 -10.68 3.02
C ASP A 235 -2.90 -10.71 2.63
N ARG A 236 -2.62 -11.19 1.42
CA ARG A 236 -1.23 -11.31 1.00
C ARG A 236 -0.59 -9.95 0.80
N ARG A 237 -1.32 -9.00 0.20
CA ARG A 237 -0.73 -7.69 -0.08
C ARG A 237 -0.43 -6.94 1.21
N SER A 238 -1.36 -6.97 2.16
CA SER A 238 -1.13 -6.26 3.42
C SER A 238 0.04 -6.86 4.18
N TRP A 239 0.16 -8.19 4.21
CA TRP A 239 1.31 -8.83 4.85
C TRP A 239 2.61 -8.43 4.19
N ALA A 240 2.62 -8.36 2.85
CA ALA A 240 3.82 -7.92 2.14
C ALA A 240 4.16 -6.48 2.48
N ALA A 241 3.14 -5.61 2.59
CA ALA A 241 3.43 -4.23 2.94
C ALA A 241 3.96 -4.13 4.36
N MET A 242 3.43 -4.95 5.28
CA MET A 242 3.97 -4.94 6.63
C MET A 242 5.41 -5.44 6.65
N GLN A 243 5.69 -6.52 5.93
N GLN A 243 5.69 -6.51 5.92
CA GLN A 243 7.05 -7.03 5.84
CA GLN A 243 7.05 -7.03 5.84
C GLN A 243 8.01 -5.95 5.33
C GLN A 243 8.01 -5.96 5.33
N GLY A 244 7.58 -5.16 4.35
CA GLY A 244 8.46 -4.11 3.82
C GLY A 244 8.67 -2.97 4.81
N LEU A 245 7.63 -2.62 5.57
CA LEU A 245 7.83 -1.60 6.59
C LEU A 245 8.81 -2.09 7.66
N PHE A 246 8.67 -3.36 8.09
CA PHE A 246 9.59 -3.86 9.11
C PHE A 246 11.02 -3.95 8.58
N ALA A 247 11.20 -4.35 7.31
CA ALA A 247 12.55 -4.37 6.73
C ALA A 247 13.19 -3.00 6.76
N GLU A 248 12.38 -1.97 6.52
CA GLU A 248 12.79 -0.56 6.59
C GLU A 248 13.26 -0.18 7.99
N VAL A 249 12.37 -0.31 8.98
CA VAL A 249 12.70 0.20 10.31
C VAL A 249 13.66 -0.70 11.08
N PHE A 250 13.78 -1.97 10.70
CA PHE A 250 14.71 -2.84 11.40
C PHE A 250 16.07 -2.93 10.71
N ALA A 251 16.30 -2.17 9.65
CA ALA A 251 17.59 -2.21 8.97
C ALA A 251 18.58 -1.35 9.72
N ALA B 13 24.03 -2.40 -18.73
CA ALA B 13 23.79 -3.77 -19.16
C ALA B 13 22.52 -3.88 -20.01
N MET B 14 21.53 -3.04 -19.70
CA MET B 14 20.23 -3.12 -20.35
C MET B 14 20.35 -2.66 -21.80
N ARG B 15 19.72 -3.39 -22.74
CA ARG B 15 19.71 -2.95 -24.13
C ARG B 15 18.71 -1.81 -24.32
N LYS B 16 19.19 -0.67 -24.81
CA LYS B 16 18.40 0.55 -24.89
C LYS B 16 18.43 1.09 -26.31
N GLN B 17 17.26 1.32 -26.90
CA GLN B 17 17.21 1.78 -28.29
C GLN B 17 16.05 2.75 -28.53
N LYS B 18 16.32 3.77 -29.35
CA LYS B 18 15.24 4.66 -29.77
C LYS B 18 14.22 3.90 -30.61
N ILE B 19 12.95 4.23 -30.44
CA ILE B 19 11.90 3.69 -31.28
C ILE B 19 10.98 4.83 -31.70
N GLU B 20 10.75 4.95 -33.00
CA GLU B 20 9.79 5.89 -33.53
C GLU B 20 8.55 5.13 -33.92
N TYR B 21 7.38 5.65 -33.55
CA TYR B 21 6.17 4.88 -33.77
C TYR B 21 5.01 5.84 -33.98
N GLY B 22 3.87 5.26 -34.33
CA GLY B 22 2.67 6.01 -34.65
C GLY B 22 2.02 5.48 -35.91
N ASN B 23 0.87 6.05 -36.29
CA ASN B 23 0.13 5.56 -37.44
C ASN B 23 -0.37 6.72 -38.30
N GLY B 24 0.30 7.87 -38.23
CA GLY B 24 0.00 8.95 -39.14
C GLY B 24 0.02 10.34 -38.53
N PRO B 25 -0.94 10.61 -37.63
CA PRO B 25 -1.14 12.00 -37.17
C PRO B 25 0.12 12.66 -36.64
N THR B 26 0.83 12.01 -35.71
CA THR B 26 2.10 12.48 -35.20
C THR B 26 3.05 11.29 -35.14
N GLN B 27 4.35 11.57 -35.10
CA GLN B 27 5.33 10.50 -34.96
C GLN B 27 6.03 10.64 -33.62
N PHE B 28 5.91 9.60 -32.79
CA PHE B 28 6.41 9.64 -31.42
C PHE B 28 7.82 9.08 -31.36
N HIS B 29 8.64 9.66 -30.48
CA HIS B 29 10.04 9.27 -30.29
C HIS B 29 10.19 8.72 -28.88
N GLY B 30 10.15 7.40 -28.73
CA GLY B 30 10.27 6.76 -27.44
C GLY B 30 11.55 5.97 -27.30
N TRP B 31 11.64 5.25 -26.17
CA TRP B 31 12.78 4.40 -25.89
C TRP B 31 12.30 3.01 -25.55
N LEU B 32 12.96 2.01 -26.11
CA LEU B 32 12.64 0.62 -25.85
C LEU B 32 13.80 0.04 -25.08
N ILE B 33 13.53 -0.51 -23.88
CA ILE B 33 14.60 -1.00 -23.01
C ILE B 33 14.28 -2.44 -22.57
N ARG B 34 15.25 -3.33 -22.69
CA ARG B 34 15.02 -4.69 -22.25
C ARG B 34 16.35 -5.34 -21.90
N ASP B 35 16.27 -6.39 -21.09
CA ASP B 35 17.42 -7.22 -20.71
C ASP B 35 17.58 -8.30 -21.77
N ASP B 36 18.52 -8.10 -22.69
CA ASP B 36 18.62 -9.06 -23.78
C ASP B 36 19.36 -10.33 -23.37
N SER B 37 19.66 -10.49 -22.08
CA SER B 37 20.18 -11.73 -21.58
C SER B 37 19.10 -12.78 -21.38
N LEU B 38 17.83 -12.38 -21.38
CA LEU B 38 16.71 -13.29 -21.12
C LEU B 38 16.10 -13.76 -22.43
N ASP B 39 15.64 -15.01 -22.43
CA ASP B 39 15.07 -15.62 -23.62
C ASP B 39 13.55 -15.63 -23.56
N GLY B 40 12.94 -15.79 -24.73
CA GLY B 40 11.51 -16.01 -24.81
C GLY B 40 10.72 -14.74 -24.64
N VAL B 41 9.41 -14.89 -24.75
CA VAL B 41 8.53 -13.74 -24.57
C VAL B 41 8.53 -13.34 -23.10
N ARG B 42 8.46 -12.04 -22.86
CA ARG B 42 8.53 -11.40 -21.55
C ARG B 42 7.32 -10.50 -21.39
N PRO B 43 6.91 -10.21 -20.16
CA PRO B 43 5.89 -9.17 -19.95
C PRO B 43 6.39 -7.82 -20.46
N GLY B 44 5.45 -7.01 -20.97
CA GLY B 44 5.77 -5.66 -21.44
C GLY B 44 5.17 -4.63 -20.52
N VAL B 45 5.89 -3.52 -20.29
CA VAL B 45 5.38 -2.45 -19.45
C VAL B 45 5.55 -1.11 -20.17
N LEU B 46 4.45 -0.38 -20.34
CA LEU B 46 4.51 1.00 -20.81
C LEU B 46 4.91 1.91 -19.67
N VAL B 47 5.75 2.90 -19.96
CA VAL B 47 6.11 3.94 -19.01
C VAL B 47 5.70 5.28 -19.62
N PHE B 48 4.65 5.89 -19.05
CA PHE B 48 4.23 7.21 -19.52
C PHE B 48 4.81 8.27 -18.62
N PRO B 49 5.44 9.28 -19.19
CA PRO B 49 6.21 10.24 -18.39
C PRO B 49 5.37 11.36 -17.81
N GLU B 50 6.02 12.24 -17.05
CA GLU B 50 5.35 13.45 -16.57
C GLU B 50 4.92 14.33 -17.75
N ALA B 51 4.15 15.38 -17.43
CA ALA B 51 3.54 16.20 -18.48
C ALA B 51 4.59 16.84 -19.37
N TYR B 52 5.73 17.26 -18.79
CA TYR B 52 6.80 17.91 -19.54
C TYR B 52 7.14 17.16 -20.82
N GLY B 53 7.34 15.85 -20.72
CA GLY B 53 7.65 15.02 -21.86
C GLY B 53 8.54 13.87 -21.42
N LEU B 54 8.95 13.07 -22.39
CA LEU B 54 9.75 11.88 -22.15
C LEU B 54 11.14 12.31 -21.70
N ASN B 55 11.39 12.30 -20.39
CA ASN B 55 12.65 12.77 -19.83
C ASN B 55 13.45 11.61 -19.23
N GLU B 56 14.64 11.93 -18.74
CA GLU B 56 15.51 10.93 -18.13
C GLU B 56 14.82 10.19 -16.98
N HIS B 57 14.04 10.89 -16.16
CA HIS B 57 13.36 10.23 -15.06
C HIS B 57 12.52 9.06 -15.56
N ALA B 58 11.79 9.26 -16.66
CA ALA B 58 10.96 8.17 -17.17
C ALA B 58 11.80 7.07 -17.80
N ILE B 59 12.85 7.45 -18.53
CA ILE B 59 13.72 6.45 -19.15
C ILE B 59 14.39 5.61 -18.10
N GLU B 60 14.85 6.24 -17.01
CA GLU B 60 15.47 5.50 -15.94
C GLU B 60 14.52 4.47 -15.35
N ARG B 61 13.23 4.82 -15.20
CA ARG B 61 12.29 3.85 -14.64
C ARG B 61 12.05 2.70 -15.61
N ALA B 62 12.03 2.98 -16.92
CA ALA B 62 11.97 1.91 -17.88
C ALA B 62 13.19 0.98 -17.77
N GLU B 63 14.37 1.56 -17.53
N GLU B 63 14.36 1.55 -17.50
CA GLU B 63 15.57 0.76 -17.33
CA GLU B 63 15.55 0.71 -17.36
C GLU B 63 15.41 -0.19 -16.15
C GLU B 63 15.46 -0.19 -16.12
N ARG B 64 14.89 0.33 -15.03
CA ARG B 64 14.69 -0.49 -13.84
C ARG B 64 13.69 -1.60 -14.10
N LEU B 65 12.66 -1.34 -14.90
CA LEU B 65 11.73 -2.41 -15.28
C LEU B 65 12.42 -3.47 -16.13
N ALA B 66 13.27 -3.03 -17.07
CA ALA B 66 14.04 -4.00 -17.85
C ALA B 66 14.88 -4.87 -16.93
N GLN B 67 15.51 -4.27 -15.92
CA GLN B 67 16.29 -5.07 -14.97
C GLN B 67 15.41 -6.05 -14.22
N LEU B 68 14.11 -5.73 -14.05
CA LEU B 68 13.20 -6.68 -13.43
C LEU B 68 12.79 -7.82 -14.35
N GLY B 69 13.19 -7.77 -15.62
CA GLY B 69 12.85 -8.81 -16.55
C GLY B 69 11.70 -8.49 -17.47
N TYR B 70 11.33 -7.22 -17.60
CA TYR B 70 10.24 -6.81 -18.48
C TYR B 70 10.79 -6.10 -19.72
N VAL B 71 9.98 -6.07 -20.78
CA VAL B 71 10.29 -5.24 -21.94
C VAL B 71 9.58 -3.91 -21.73
N ALA B 72 10.34 -2.83 -21.57
CA ALA B 72 9.78 -1.54 -21.21
C ALA B 72 9.80 -0.60 -22.41
N LEU B 73 8.70 0.12 -22.62
CA LEU B 73 8.63 1.15 -23.65
C LEU B 73 8.33 2.48 -22.97
N ALA B 74 9.29 3.39 -23.00
CA ALA B 74 9.09 4.72 -22.44
C ALA B 74 8.45 5.58 -23.53
N ALA B 75 7.22 6.03 -23.29
CA ALA B 75 6.37 6.61 -24.32
C ALA B 75 6.61 8.10 -24.48
N ASP B 76 6.43 8.57 -25.72
CA ASP B 76 6.35 9.99 -26.04
C ASP B 76 4.88 10.32 -26.23
N MET B 77 4.35 11.21 -25.41
CA MET B 77 2.94 11.56 -25.56
C MET B 77 2.72 12.87 -26.31
N HIS B 78 3.77 13.63 -26.59
CA HIS B 78 3.62 14.87 -27.34
C HIS B 78 3.85 14.70 -28.83
N GLY B 79 4.80 13.84 -29.21
CA GLY B 79 5.22 13.74 -30.58
C GLY B 79 6.57 14.43 -30.75
N GLY B 80 7.43 13.85 -31.59
CA GLY B 80 8.74 14.41 -31.84
C GLY B 80 9.74 14.31 -30.72
N GLY B 81 9.42 13.63 -29.63
CA GLY B 81 10.32 13.65 -28.48
C GLY B 81 10.42 14.97 -27.78
N VAL B 82 9.47 15.88 -28.02
CA VAL B 82 9.53 17.22 -27.45
C VAL B 82 9.38 17.16 -25.92
N VAL B 83 10.22 17.92 -25.22
CA VAL B 83 10.13 18.06 -23.78
C VAL B 83 9.99 19.53 -23.44
N TYR B 84 8.80 19.93 -22.98
CA TYR B 84 8.54 21.32 -22.62
C TYR B 84 9.21 21.68 -21.31
N SER B 85 9.52 22.96 -21.16
CA SER B 85 9.98 23.48 -19.88
C SER B 85 9.29 24.77 -19.46
N ASP B 86 8.44 25.36 -20.31
N ASP B 86 8.45 25.38 -20.30
CA ASP B 86 7.67 26.56 -19.99
CA ASP B 86 7.70 26.57 -19.93
C ASP B 86 6.21 26.20 -19.76
C ASP B 86 6.23 26.24 -19.78
N THR B 87 5.66 26.64 -18.63
CA THR B 87 4.25 26.36 -18.36
C THR B 87 3.34 27.06 -19.36
N ALA B 88 3.77 28.21 -19.91
CA ALA B 88 2.92 28.97 -20.80
C ALA B 88 2.62 28.23 -22.10
N THR B 89 3.44 27.25 -22.48
CA THR B 89 3.15 26.43 -23.65
C THR B 89 2.77 24.99 -23.30
N LEU B 90 3.32 24.45 -22.21
CA LEU B 90 2.97 23.09 -21.82
C LEU B 90 1.51 23.01 -21.37
N GLY B 91 1.08 24.00 -20.59
CA GLY B 91 -0.28 24.08 -20.11
C GLY B 91 -1.33 23.85 -21.18
N PRO B 92 -1.28 24.66 -22.26
CA PRO B 92 -2.23 24.45 -23.36
C PRO B 92 -2.16 23.07 -23.98
N ALA B 93 -0.95 22.53 -24.14
CA ALA B 93 -0.81 21.21 -24.74
C ALA B 93 -1.48 20.14 -23.88
N ILE B 94 -1.30 20.22 -22.56
CA ILE B 94 -1.92 19.23 -21.67
C ILE B 94 -3.43 19.43 -21.63
N ARG B 95 -3.87 20.67 -21.43
CA ARG B 95 -5.31 20.93 -21.39
C ARG B 95 -5.99 20.52 -22.69
N SER B 96 -5.26 20.56 -23.80
CA SER B 96 -5.85 20.11 -25.07
C SER B 96 -6.12 18.62 -25.06
N LEU B 97 -5.24 17.84 -24.44
CA LEU B 97 -5.51 16.41 -24.25
C LEU B 97 -6.62 16.18 -23.24
N PHE B 98 -6.63 16.95 -22.14
CA PHE B 98 -7.72 16.85 -21.17
C PHE B 98 -9.07 17.04 -21.83
N GLY B 99 -9.15 17.93 -22.82
CA GLY B 99 -10.42 18.23 -23.45
C GLY B 99 -10.80 17.33 -24.60
N ASP B 100 -9.87 16.46 -25.02
CA ASP B 100 -10.09 15.53 -26.14
C ASP B 100 -9.54 14.19 -25.68
N ARG B 101 -10.28 13.51 -24.82
CA ARG B 101 -9.76 12.26 -24.29
C ARG B 101 -9.70 11.16 -25.35
N ALA B 102 -10.44 11.29 -26.45
CA ALA B 102 -10.26 10.35 -27.55
C ALA B 102 -8.87 10.48 -28.17
N GLU B 103 -8.41 11.72 -28.39
CA GLU B 103 -7.06 11.89 -28.93
C GLU B 103 -6.00 11.45 -27.92
N TRP B 104 -6.19 11.84 -26.67
CA TRP B 104 -5.28 11.41 -25.60
C TRP B 104 -5.12 9.90 -25.59
N ARG B 105 -6.24 9.18 -25.66
CA ARG B 105 -6.20 7.72 -25.62
C ARG B 105 -5.59 7.13 -26.87
N ALA B 106 -5.76 7.79 -28.03
CA ALA B 106 -5.15 7.31 -29.25
C ALA B 106 -3.64 7.41 -29.18
N ARG B 107 -3.10 8.47 -28.59
CA ARG B 107 -1.66 8.55 -28.44
C ARG B 107 -1.15 7.46 -27.49
N ALA B 108 -1.88 7.19 -26.41
CA ALA B 108 -1.45 6.13 -25.51
C ALA B 108 -1.57 4.77 -26.17
N GLN B 109 -2.60 4.56 -26.98
CA GLN B 109 -2.76 3.29 -27.70
C GLN B 109 -1.64 3.11 -28.73
N ALA B 110 -1.17 4.18 -29.34
CA ALA B 110 -0.04 4.06 -30.26
C ALA B 110 1.17 3.49 -29.55
N ALA B 111 1.40 3.91 -28.31
CA ALA B 111 2.49 3.35 -27.52
C ALA B 111 2.26 1.87 -27.26
N LEU B 112 1.04 1.51 -26.86
CA LEU B 112 0.73 0.11 -26.62
C LEU B 112 0.97 -0.72 -27.89
N ASP B 113 0.49 -0.22 -29.04
CA ASP B 113 0.75 -0.87 -30.32
C ASP B 113 2.23 -1.12 -30.51
N ALA B 114 3.06 -0.10 -30.25
CA ALA B 114 4.48 -0.26 -30.48
C ALA B 114 5.09 -1.28 -29.53
N LEU B 115 4.60 -1.33 -28.29
CA LEU B 115 5.06 -2.35 -27.34
C LEU B 115 4.67 -3.75 -27.81
N LEU B 116 3.42 -3.93 -28.21
CA LEU B 116 2.97 -5.23 -28.66
C LEU B 116 3.65 -5.67 -29.96
N ALA B 117 4.15 -4.72 -30.75
CA ALA B 117 4.88 -5.06 -31.96
C ALA B 117 6.25 -5.65 -31.67
N GLN B 118 6.70 -5.64 -30.41
CA GLN B 118 8.04 -6.19 -30.19
C GLN B 118 8.00 -7.71 -30.22
N PRO B 119 8.98 -8.35 -30.87
CA PRO B 119 8.99 -9.82 -30.89
C PRO B 119 9.04 -10.44 -29.50
N GLN B 120 9.63 -9.74 -28.52
CA GLN B 120 9.87 -10.35 -27.22
C GLN B 120 8.71 -10.17 -26.25
N VAL B 121 7.65 -9.47 -26.65
CA VAL B 121 6.60 -9.15 -25.71
C VAL B 121 5.55 -10.25 -25.69
N ASP B 122 5.21 -10.73 -24.50
CA ASP B 122 4.07 -11.61 -24.27
C ASP B 122 2.82 -10.74 -24.30
N ARG B 123 2.06 -10.79 -25.40
CA ARG B 123 0.93 -9.86 -25.52
C ARG B 123 -0.21 -10.20 -24.57
N ASP B 124 -0.13 -11.32 -23.85
CA ASP B 124 -1.05 -11.66 -22.77
C ASP B 124 -0.63 -11.04 -21.44
N ARG B 125 0.58 -10.49 -21.35
CA ARG B 125 1.11 -9.95 -20.09
C ARG B 125 1.68 -8.55 -20.35
N VAL B 126 0.81 -7.56 -20.44
N VAL B 126 0.80 -7.56 -20.39
CA VAL B 126 1.26 -6.18 -20.60
CA VAL B 126 1.19 -6.16 -20.61
C VAL B 126 0.66 -5.32 -19.49
C VAL B 126 0.63 -5.31 -19.49
N ALA B 127 1.43 -4.36 -19.01
CA ALA B 127 1.02 -3.47 -17.94
C ALA B 127 1.50 -2.06 -18.29
N ALA B 128 1.14 -1.09 -17.46
CA ALA B 128 1.54 0.27 -17.73
C ALA B 128 1.76 0.98 -16.42
N ILE B 129 2.77 1.86 -16.37
CA ILE B 129 2.93 2.76 -15.25
C ILE B 129 3.03 4.18 -15.77
N GLY B 130 2.79 5.14 -14.90
CA GLY B 130 2.91 6.52 -15.30
C GLY B 130 3.06 7.43 -14.10
N PHE B 131 3.75 8.54 -14.33
CA PHE B 131 4.02 9.54 -13.29
C PHE B 131 3.28 10.82 -13.66
N CYS B 132 2.49 11.35 -12.72
N CYS B 132 2.50 11.35 -12.71
CA CYS B 132 1.72 12.58 -12.92
CA CYS B 132 1.72 12.57 -12.90
C CYS B 132 0.81 12.39 -14.13
C CYS B 132 0.81 12.41 -14.10
N PHE B 133 0.90 13.24 -15.14
CA PHE B 133 0.07 13.09 -16.34
C PHE B 133 0.19 11.71 -16.96
N GLY B 134 1.37 11.08 -16.85
CA GLY B 134 1.52 9.72 -17.34
C GLY B 134 0.69 8.70 -16.57
N GLY B 135 0.49 8.92 -15.27
CA GLY B 135 -0.40 8.05 -14.52
C GLY B 135 -1.86 8.26 -14.92
N ALA B 136 -2.27 9.52 -15.09
CA ALA B 136 -3.59 9.78 -15.67
C ALA B 136 -3.72 9.11 -17.03
N THR B 137 -2.64 9.12 -17.81
CA THR B 137 -2.66 8.50 -19.14
C THR B 137 -2.91 6.99 -19.05
N CYS B 138 -2.25 6.32 -18.08
CA CYS B 138 -2.47 4.89 -17.85
C CYS B 138 -3.95 4.59 -17.61
N LEU B 139 -4.59 5.42 -16.79
CA LEU B 139 -5.99 5.17 -16.46
C LEU B 139 -6.88 5.39 -17.68
N GLU B 140 -6.61 6.45 -18.47
CA GLU B 140 -7.33 6.65 -19.73
C GLU B 140 -7.17 5.45 -20.64
N LEU B 141 -5.95 4.93 -20.79
CA LEU B 141 -5.75 3.78 -21.66
C LEU B 141 -6.55 2.58 -21.18
N ALA B 142 -6.58 2.35 -19.87
CA ALA B 142 -7.35 1.21 -19.38
C ALA B 142 -8.84 1.45 -19.54
N ARG B 143 -9.31 2.67 -19.26
CA ARG B 143 -10.73 2.98 -19.44
C ARG B 143 -11.16 2.79 -20.89
N SER B 144 -10.23 2.91 -21.85
CA SER B 144 -10.57 2.68 -23.24
C SER B 144 -10.82 1.21 -23.54
N GLY B 145 -10.53 0.32 -22.58
CA GLY B 145 -10.65 -1.10 -22.81
C GLY B 145 -9.39 -1.79 -23.28
N ALA B 146 -8.23 -1.13 -23.20
CA ALA B 146 -7.00 -1.77 -23.64
C ALA B 146 -6.67 -2.97 -22.73
N PRO B 147 -6.09 -4.04 -23.28
CA PRO B 147 -5.84 -5.27 -22.47
C PRO B 147 -4.62 -5.13 -21.57
N LEU B 148 -4.67 -4.21 -20.62
CA LEU B 148 -3.63 -4.09 -19.60
C LEU B 148 -3.94 -5.06 -18.46
N SER B 149 -2.97 -5.91 -18.09
CA SER B 149 -3.13 -6.78 -16.93
C SER B 149 -3.08 -6.01 -15.63
N ALA B 150 -2.39 -4.88 -15.61
CA ALA B 150 -2.27 -4.07 -14.41
C ALA B 150 -1.83 -2.69 -14.83
N LEU B 151 -2.11 -1.71 -13.98
CA LEU B 151 -1.55 -0.38 -14.16
C LEU B 151 -1.25 0.21 -12.79
N VAL B 152 -0.20 1.02 -12.72
CA VAL B 152 0.15 1.70 -11.48
C VAL B 152 0.36 3.17 -11.79
N THR B 153 -0.30 4.04 -11.04
CA THR B 153 -0.13 5.48 -11.18
C THR B 153 0.63 6.01 -9.97
N PHE B 154 1.52 6.96 -10.22
CA PHE B 154 2.34 7.58 -9.19
C PHE B 154 2.02 9.07 -9.21
N HIS B 155 1.51 9.58 -8.09
CA HIS B 155 1.10 10.98 -7.92
C HIS B 155 0.42 11.56 -9.17
N ALA B 156 -0.66 10.91 -9.59
CA ALA B 156 -1.32 11.30 -10.84
C ALA B 156 -2.58 12.09 -10.55
N GLY B 157 -2.80 13.13 -11.34
CA GLY B 157 -4.08 13.80 -11.36
C GLY B 157 -5.04 13.06 -12.27
N LEU B 158 -5.70 12.05 -11.72
CA LEU B 158 -6.61 11.22 -12.49
C LEU B 158 -7.84 12.01 -12.92
N GLN B 159 -8.34 11.73 -14.15
CA GLN B 159 -9.45 12.46 -14.73
C GLN B 159 -10.79 11.85 -14.32
N PRO B 160 -11.87 12.63 -14.38
CA PRO B 160 -13.17 12.14 -13.89
C PRO B 160 -13.68 11.02 -14.76
N PRO B 161 -14.50 10.11 -14.21
CA PRO B 161 -15.00 8.99 -15.01
C PRO B 161 -16.02 9.40 -16.06
N LEU B 162 -16.07 8.62 -17.13
CA LEU B 162 -17.06 8.74 -18.20
C LEU B 162 -17.90 7.48 -18.23
N GLU B 163 -19.22 7.65 -18.23
CA GLU B 163 -20.10 6.49 -18.19
C GLU B 163 -19.84 5.53 -19.34
N ALA B 164 -19.44 6.05 -20.51
CA ALA B 164 -19.16 5.18 -21.65
C ALA B 164 -18.08 4.16 -21.33
N ASP B 165 -17.21 4.47 -20.39
CA ASP B 165 -16.11 3.57 -20.01
C ASP B 165 -16.52 2.49 -19.03
N ALA B 166 -17.79 2.42 -18.61
CA ALA B 166 -18.19 1.52 -17.54
C ALA B 166 -17.81 0.08 -17.85
N GLY B 167 -17.12 -0.58 -16.92
CA GLY B 167 -16.77 -1.98 -17.05
C GLY B 167 -15.67 -2.32 -18.04
N ARG B 168 -14.98 -1.32 -18.60
N ARG B 168 -14.98 -1.33 -18.59
CA ARG B 168 -13.97 -1.61 -19.61
CA ARG B 168 -13.98 -1.61 -19.60
C ARG B 168 -12.58 -1.85 -19.03
C ARG B 168 -12.58 -1.86 -19.04
N ILE B 169 -12.38 -1.61 -17.74
CA ILE B 169 -11.09 -1.88 -17.12
C ILE B 169 -11.04 -3.36 -16.73
N THR B 170 -10.20 -4.12 -17.42
CA THR B 170 -10.07 -5.56 -17.19
C THR B 170 -8.93 -5.94 -16.26
N GLY B 171 -8.03 -5.01 -15.94
CA GLY B 171 -6.87 -5.31 -15.15
C GLY B 171 -6.96 -4.78 -13.72
N LYS B 172 -5.88 -5.02 -12.99
CA LYS B 172 -5.73 -4.56 -11.62
C LYS B 172 -5.18 -3.15 -11.61
N VAL B 173 -5.57 -2.39 -10.61
CA VAL B 173 -5.19 -0.98 -10.51
C VAL B 173 -4.54 -0.74 -9.16
N LEU B 174 -3.41 -0.02 -9.17
CA LEU B 174 -2.76 0.45 -7.95
C LEU B 174 -2.53 1.93 -8.13
N ILE B 175 -3.06 2.73 -7.22
CA ILE B 175 -2.92 4.18 -7.24
C ILE B 175 -2.06 4.56 -6.05
N CYS B 176 -0.90 5.16 -6.33
CA CYS B 176 0.04 5.59 -5.32
C CYS B 176 -0.06 7.11 -5.23
N HIS B 177 -0.40 7.60 -4.05
CA HIS B 177 -1.01 8.92 -3.91
C HIS B 177 -0.39 9.65 -2.73
N GLY B 178 0.09 10.87 -2.98
CA GLY B 178 0.46 11.72 -1.87
C GLY B 178 -0.77 12.33 -1.24
N ALA B 179 -0.96 12.12 0.07
CA ALA B 179 -2.19 12.59 0.71
C ALA B 179 -2.38 14.09 0.56
N GLU B 180 -1.28 14.83 0.47
CA GLU B 180 -1.35 16.29 0.34
C GLU B 180 -1.21 16.77 -1.11
N ASP B 181 -1.39 15.89 -2.09
CA ASP B 181 -1.26 16.28 -3.48
C ASP B 181 -2.34 17.26 -3.90
N PRO B 182 -2.01 18.50 -4.24
CA PRO B 182 -3.07 19.46 -4.63
C PRO B 182 -3.70 19.15 -5.98
N LEU B 183 -3.07 18.33 -6.82
CA LEU B 183 -3.61 18.01 -8.13
C LEU B 183 -4.54 16.79 -8.11
N MET B 184 -4.78 16.20 -6.94
CA MET B 184 -5.68 15.05 -6.81
C MET B 184 -6.33 15.16 -5.44
N LYS B 185 -7.41 15.95 -5.37
CA LYS B 185 -8.05 16.21 -4.09
C LYS B 185 -9.08 15.13 -3.76
N PRO B 186 -9.45 15.01 -2.48
CA PRO B 186 -10.27 13.86 -2.04
C PRO B 186 -11.57 13.63 -2.81
N GLU B 187 -12.35 14.68 -3.06
CA GLU B 187 -13.64 14.50 -3.70
C GLU B 187 -13.49 13.90 -5.09
N ALA B 188 -12.49 14.40 -5.84
CA ALA B 188 -12.28 13.89 -7.19
C ALA B 188 -11.69 12.49 -7.17
N LEU B 189 -10.80 12.20 -6.21
CA LEU B 189 -10.27 10.84 -6.13
C LEU B 189 -11.37 9.85 -5.75
N ASN B 190 -12.23 10.22 -4.80
CA ASN B 190 -13.34 9.35 -4.43
C ASN B 190 -14.24 9.03 -5.61
N ALA B 191 -14.41 9.97 -6.54
CA ALA B 191 -15.26 9.70 -7.70
C ALA B 191 -14.61 8.66 -8.61
N VAL B 192 -13.29 8.72 -8.77
CA VAL B 192 -12.57 7.68 -9.51
C VAL B 192 -12.73 6.33 -8.81
N LEU B 193 -12.48 6.31 -7.49
CA LEU B 193 -12.63 5.06 -6.74
C LEU B 193 -14.07 4.54 -6.83
N ALA B 194 -15.06 5.44 -6.89
CA ALA B 194 -16.43 4.97 -6.98
C ALA B 194 -16.68 4.25 -8.30
N GLU B 195 -16.10 4.76 -9.39
CA GLU B 195 -16.19 4.08 -10.68
C GLU B 195 -15.57 2.69 -10.61
N LEU B 196 -14.35 2.61 -10.06
CA LEU B 196 -13.67 1.31 -9.97
C LEU B 196 -14.45 0.33 -9.10
N SER B 197 -14.94 0.79 -7.95
CA SER B 197 -15.75 -0.07 -7.08
C SER B 197 -17.04 -0.51 -7.76
N ARG B 198 -17.72 0.41 -8.45
CA ARG B 198 -18.96 0.05 -9.13
C ARG B 198 -18.74 -1.07 -10.12
N ASP B 199 -17.61 -1.06 -10.83
CA ASP B 199 -17.34 -2.09 -11.83
C ASP B 199 -16.54 -3.27 -11.28
N ARG B 200 -16.32 -3.32 -9.96
CA ARG B 200 -15.64 -4.42 -9.30
C ARG B 200 -14.23 -4.59 -9.84
N VAL B 201 -13.57 -3.47 -10.12
CA VAL B 201 -12.15 -3.48 -10.43
C VAL B 201 -11.38 -3.80 -9.16
N ASP B 202 -10.43 -4.73 -9.26
CA ASP B 202 -9.48 -4.99 -8.18
C ASP B 202 -8.56 -3.77 -8.08
N TRP B 203 -8.85 -2.88 -7.15
CA TRP B 203 -8.04 -1.68 -7.02
C TRP B 203 -7.45 -1.55 -5.63
N GLN B 204 -6.32 -0.86 -5.58
CA GLN B 204 -5.66 -0.52 -4.33
C GLN B 204 -5.29 0.96 -4.38
N LEU B 205 -5.44 1.63 -3.24
CA LEU B 205 -4.97 2.99 -3.06
C LEU B 205 -3.92 2.93 -1.97
N LEU B 206 -2.71 3.40 -2.27
CA LEU B 206 -1.63 3.51 -1.30
C LEU B 206 -1.38 5.00 -1.09
N SER B 207 -1.83 5.52 0.05
CA SER B 207 -1.77 6.94 0.37
C SER B 207 -0.68 7.21 1.38
N PHE B 208 0.12 8.24 1.14
CA PHE B 208 1.26 8.59 1.97
C PHE B 208 1.00 9.87 2.73
N GLY B 209 1.05 9.80 4.06
CA GLY B 209 0.95 11.00 4.85
C GLY B 209 2.12 11.95 4.61
N GLY B 210 1.81 13.24 4.55
CA GLY B 210 2.82 14.27 4.43
C GLY B 210 3.57 14.27 3.12
N VAL B 211 2.98 13.70 2.08
CA VAL B 211 3.58 13.58 0.77
C VAL B 211 2.65 14.23 -0.24
N ALA B 212 3.24 14.85 -1.27
CA ALA B 212 2.40 15.57 -2.23
C ALA B 212 2.69 15.11 -3.66
N HIS B 213 2.61 16.02 -4.61
CA HIS B 213 2.85 15.68 -6.01
C HIS B 213 4.33 15.44 -6.27
N SER B 214 4.60 14.75 -7.39
CA SER B 214 5.96 14.56 -7.91
C SER B 214 6.90 13.86 -6.92
N PHE B 215 6.37 12.96 -6.09
CA PHE B 215 7.22 12.41 -5.04
C PHE B 215 8.23 11.39 -5.55
N THR B 216 8.16 10.95 -6.81
CA THR B 216 9.13 10.02 -7.34
C THR B 216 10.29 10.69 -8.06
N ASN B 217 10.22 12.00 -8.28
CA ASN B 217 11.24 12.65 -9.09
C ASN B 217 12.15 13.45 -8.19
N PRO B 218 13.42 13.05 -8.02
CA PRO B 218 14.34 13.89 -7.24
C PRO B 218 14.47 15.32 -7.76
N ASP B 219 14.21 15.55 -9.06
CA ASP B 219 14.26 16.90 -9.61
C ASP B 219 13.20 17.81 -8.99
N ALA B 220 12.17 17.25 -8.35
CA ALA B 220 11.25 18.05 -7.55
C ALA B 220 11.94 18.35 -6.22
N ASP B 221 12.90 19.26 -6.29
CA ASP B 221 13.80 19.57 -5.19
C ASP B 221 13.27 20.79 -4.43
N ALA B 222 14.11 21.39 -3.60
CA ALA B 222 13.68 22.53 -2.78
C ALA B 222 13.43 23.79 -3.61
N ARG B 223 13.93 23.86 -4.85
CA ARG B 223 13.68 25.03 -5.69
C ARG B 223 12.29 25.04 -6.32
N GLY B 224 11.47 24.01 -6.10
CA GLY B 224 10.20 23.89 -6.78
C GLY B 224 9.09 24.69 -6.13
N ALA B 225 7.87 24.42 -6.59
CA ALA B 225 6.66 25.05 -6.09
C ALA B 225 6.04 24.24 -4.95
N PRO B 226 5.21 24.88 -4.12
CA PRO B 226 4.55 24.13 -3.03
C PRO B 226 3.66 22.99 -3.57
N GLY B 227 3.64 21.89 -2.81
CA GLY B 227 2.90 20.72 -3.21
C GLY B 227 3.59 19.84 -4.23
N PHE B 228 4.83 20.15 -4.60
CA PHE B 228 5.63 19.34 -5.52
C PHE B 228 6.96 19.07 -4.83
N ALA B 229 7.10 17.87 -4.25
CA ALA B 229 8.30 17.57 -3.50
C ALA B 229 8.63 16.09 -3.61
N TYR B 230 9.91 15.79 -3.77
CA TYR B 230 10.37 14.41 -3.73
C TYR B 230 10.23 13.86 -2.32
N ASN B 231 9.88 12.57 -2.22
CA ASN B 231 9.89 11.88 -0.94
C ASN B 231 10.52 10.51 -1.17
N ALA B 232 11.73 10.33 -0.64
CA ALA B 232 12.48 9.09 -0.84
C ALA B 232 11.67 7.87 -0.38
N ASN B 233 11.04 7.96 0.79
CA ASN B 233 10.30 6.80 1.30
C ASN B 233 9.14 6.46 0.38
N ALA B 234 8.32 7.46 0.06
CA ALA B 234 7.16 7.22 -0.80
C ALA B 234 7.61 6.68 -2.15
N ASP B 235 8.73 7.20 -2.67
CA ASP B 235 9.29 6.69 -3.91
C ASP B 235 9.60 5.20 -3.80
N ARG B 236 10.34 4.82 -2.77
CA ARG B 236 10.74 3.41 -2.64
C ARG B 236 9.53 2.53 -2.36
N ARG B 237 8.65 2.97 -1.48
CA ARG B 237 7.51 2.15 -1.08
C ARG B 237 6.55 1.94 -2.25
N SER B 238 6.26 3.01 -3.00
CA SER B 238 5.36 2.89 -4.15
C SER B 238 5.97 1.99 -5.23
N TRP B 239 7.27 2.11 -5.49
CA TRP B 239 7.91 1.21 -6.44
C TRP B 239 7.83 -0.25 -5.97
N ALA B 240 8.00 -0.49 -4.67
CA ALA B 240 7.91 -1.87 -4.17
C ALA B 240 6.50 -2.41 -4.32
N ALA B 241 5.49 -1.58 -4.08
CA ALA B 241 4.13 -2.02 -4.28
C ALA B 241 3.87 -2.35 -5.73
N MET B 242 4.39 -1.52 -6.65
CA MET B 242 4.19 -1.78 -8.07
C MET B 242 4.85 -3.10 -8.44
N GLN B 243 6.07 -3.30 -7.94
CA GLN B 243 6.77 -4.55 -8.18
C GLN B 243 5.95 -5.75 -7.73
N GLY B 244 5.35 -5.66 -6.54
CA GLY B 244 4.55 -6.76 -6.03
C GLY B 244 3.31 -7.02 -6.87
N LEU B 245 2.69 -5.96 -7.39
CA LEU B 245 1.53 -6.16 -8.25
C LEU B 245 1.92 -6.82 -9.55
N PHE B 246 3.02 -6.39 -10.15
CA PHE B 246 3.45 -7.02 -11.40
C PHE B 246 3.87 -8.48 -11.16
N ALA B 247 4.54 -8.75 -10.04
CA ALA B 247 4.87 -10.14 -9.71
C ALA B 247 3.60 -10.99 -9.62
N GLU B 248 2.51 -10.39 -9.13
CA GLU B 248 1.20 -11.05 -9.06
C GLU B 248 0.65 -11.39 -10.43
N VAL B 249 0.47 -10.37 -11.28
CA VAL B 249 -0.24 -10.58 -12.53
C VAL B 249 0.61 -11.25 -13.59
N PHE B 250 1.93 -11.21 -13.45
CA PHE B 250 2.82 -11.81 -14.44
C PHE B 250 3.25 -13.22 -14.07
N ALA B 251 2.75 -13.77 -12.96
CA ALA B 251 3.19 -15.10 -12.47
C ALA B 251 2.90 -16.22 -13.46
#